data_1K9Z
#
_entry.id   1K9Z
#
_cell.length_a   54.682
_cell.length_b   45.359
_cell.length_c   71.280
_cell.angle_alpha   90.00
_cell.angle_beta   111.40
_cell.angle_gamma   90.00
#
_symmetry.space_group_name_H-M   'P 1 21 1'
#
loop_
_entity.id
_entity.type
_entity.pdbx_description
1 polymer 'Halotolerance protein HAL2'
2 non-polymer 'ZINC ION'
3 non-polymer BETA-MERCAPTOETHANOL
4 water water
#
_entity_poly.entity_id   1
_entity_poly.type   'polypeptide(L)'
_entity_poly.pdbx_seq_one_letter_code
;MALERELLVATQAVRKASLLTKRIQSEVISHKDSTTITKNDNSPVTTGDYAAQTIIINAIKSNFPDDKVVGEESSSGLSD
AFVSGILNEIKANDEVYNKNYKKDDFLFTNDQFPLKSLEDVRQIIDFGNYEGGRKGRFWCLDPIDGTKGFLRGEQFAVCL
ALIVDGVVQLGCIGCPNLVLSSYGAQDLKGHESFGYIFRAVRGLGAFYSPSSDAESWTKIHVRHLKDTKDMITLEGVEKG
HSSHDEQTAIKNKLNISKSLHLDSQAKYCLLALGLADVYLRLPIKLSYQEKIWDHAAGNVIVHEAGGIHTDAMEDVPLDF
GNGRTLATKGVIASSGPRELHDLVVSTSCDVIQSRNA
;
_entity_poly.pdbx_strand_id   A
#
loop_
_chem_comp.id
_chem_comp.type
_chem_comp.name
_chem_comp.formula
BME non-polymer BETA-MERCAPTOETHANOL 'C2 H6 O S'
ZN non-polymer 'ZINC ION' 'Zn 2'
#
# COMPACT_ATOMS: atom_id res chain seq x y z
N ALA A 2 2.38 22.76 3.68
CA ALA A 2 1.48 21.74 4.28
C ALA A 2 2.17 20.38 4.29
N LEU A 3 2.52 19.95 5.50
CA LEU A 3 2.64 18.54 5.86
C LEU A 3 4.04 18.09 5.49
N GLU A 4 4.96 19.04 5.55
CA GLU A 4 6.32 18.79 5.12
C GLU A 4 6.95 17.74 6.01
N ARG A 5 6.87 17.94 7.32
CA ARG A 5 7.51 17.02 8.26
C ARG A 5 6.86 15.64 8.17
N GLU A 6 5.54 15.62 7.99
CA GLU A 6 4.83 14.38 7.89
C GLU A 6 5.26 13.61 6.66
N LEU A 7 5.51 14.31 5.58
CA LEU A 7 5.91 13.62 4.34
C LEU A 7 7.33 13.06 4.49
N LEU A 8 8.24 13.81 5.11
CA LEU A 8 9.59 13.31 5.39
C LEU A 8 9.55 12.04 6.28
N VAL A 9 8.80 12.10 7.37
CA VAL A 9 8.63 10.95 8.24
C VAL A 9 8.05 9.76 7.48
N ALA A 10 6.97 9.99 6.76
CA ALA A 10 6.34 8.92 6.00
C ALA A 10 7.35 8.27 5.09
N THR A 11 8.08 9.11 4.35
CA THR A 11 8.96 8.62 3.31
C THR A 11 10.08 7.78 3.90
N GLN A 12 10.77 8.30 4.93
CA GLN A 12 11.85 7.58 5.55
C GLN A 12 11.40 6.30 6.24
N ALA A 13 10.21 6.32 6.84
CA ALA A 13 9.71 5.13 7.49
C ALA A 13 9.41 4.04 6.48
N VAL A 14 8.71 4.40 5.45
CA VAL A 14 8.48 3.48 4.33
C VAL A 14 9.76 2.98 3.73
N ARG A 15 10.73 3.87 3.57
CA ARG A 15 12.00 3.50 2.97
C ARG A 15 12.70 2.42 3.77
N LYS A 16 12.85 2.61 5.08
CA LYS A 16 13.55 1.63 5.90
C LYS A 16 12.80 0.30 5.93
N ALA A 17 11.46 0.37 6.02
CA ALA A 17 10.69 -0.86 5.99
C ALA A 17 10.77 -1.57 4.64
N SER A 18 10.88 -0.81 3.57
CA SER A 18 11.00 -1.37 2.25
C SER A 18 12.29 -2.13 2.12
N LEU A 19 13.39 -1.61 2.67
CA LEU A 19 14.64 -2.37 2.65
C LEU A 19 14.49 -3.68 3.43
N LEU A 20 13.86 -3.63 4.60
CA LEU A 20 13.77 -4.81 5.43
C LEU A 20 12.96 -5.89 4.73
N THR A 21 11.82 -5.52 4.18
CA THR A 21 10.96 -6.51 3.56
C THR A 21 11.58 -7.07 2.29
N LYS A 22 12.25 -6.24 1.52
CA LYS A 22 13.00 -6.76 0.38
C LYS A 22 14.04 -7.78 0.80
N ARG A 23 14.78 -7.45 1.84
CA ARG A 23 15.91 -8.28 2.23
C ARG A 23 15.47 -9.61 2.84
N ILE A 24 14.34 -9.64 3.55
CA ILE A 24 13.96 -10.84 4.32
C ILE A 24 13.01 -11.75 3.53
N GLN A 25 12.58 -11.31 2.36
CA GLN A 25 11.55 -12.04 1.64
C GLN A 25 11.93 -13.52 1.43
N SER A 26 13.14 -13.78 0.94
CA SER A 26 13.49 -15.17 0.62
C SER A 26 13.59 -16.04 1.86
N GLU A 27 14.12 -15.49 2.93
CA GLU A 27 14.24 -16.18 4.19
C GLU A 27 12.85 -16.48 4.78
N VAL A 28 11.92 -15.53 4.64
CA VAL A 28 10.57 -15.77 5.11
C VAL A 28 9.94 -16.95 4.38
N ILE A 29 10.11 -16.97 3.06
CA ILE A 29 9.59 -18.06 2.21
C ILE A 29 10.18 -19.43 2.59
N SER A 30 11.49 -19.45 2.80
CA SER A 30 12.24 -20.66 3.11
C SER A 30 11.79 -21.24 4.44
N HIS A 31 11.56 -20.35 5.42
CA HIS A 31 11.23 -20.72 6.79
C HIS A 31 9.75 -20.40 7.18
N LYS A 32 8.84 -20.80 6.28
CA LYS A 32 7.44 -20.39 6.35
C LYS A 32 6.73 -20.97 7.58
N ASP A 33 7.20 -22.13 8.01
CA ASP A 33 6.60 -22.80 9.16
C ASP A 33 6.81 -22.02 10.44
N SER A 34 7.93 -21.31 10.53
CA SER A 34 8.30 -20.57 11.72
C SER A 34 8.02 -19.05 11.63
N THR A 35 7.89 -18.55 10.39
CA THR A 35 7.84 -17.08 10.13
C THR A 35 6.45 -16.62 9.81
N THR A 36 5.58 -17.58 9.54
CA THR A 36 4.25 -17.30 9.02
C THR A 36 3.17 -17.81 9.95
N ILE A 37 2.21 -16.94 10.18
CA ILE A 37 1.05 -17.20 11.07
C ILE A 37 -0.24 -17.04 10.27
N THR A 38 -1.16 -17.96 10.50
CA THR A 38 -2.50 -17.83 9.95
C THR A 38 -3.39 -17.08 10.95
N LYS A 39 -3.93 -15.93 10.53
CA LYS A 39 -4.76 -15.10 11.38
C LYS A 39 -6.18 -15.67 11.39
N ASN A 40 -7.09 -15.01 12.10
CA ASN A 40 -8.44 -15.55 12.33
C ASN A 40 -9.34 -15.47 11.10
N ASP A 41 -8.89 -14.73 10.07
CA ASP A 41 -9.59 -14.70 8.81
C ASP A 41 -8.88 -15.60 7.82
N ASN A 42 -7.96 -16.40 8.35
CA ASN A 42 -7.17 -17.34 7.55
C ASN A 42 -6.14 -16.72 6.60
N SER A 43 -6.00 -15.40 6.71
CA SER A 43 -4.98 -14.71 5.93
C SER A 43 -3.64 -14.80 6.61
N PRO A 44 -2.55 -14.71 5.84
CA PRO A 44 -1.23 -14.77 6.44
C PRO A 44 -0.71 -13.46 6.98
N VAL A 45 0.16 -13.61 7.94
CA VAL A 45 0.98 -12.52 8.45
C VAL A 45 2.34 -13.11 8.76
N THR A 46 3.40 -12.35 8.49
CA THR A 46 4.74 -12.87 8.65
C THR A 46 5.61 -11.93 9.50
N THR A 47 6.78 -12.43 9.86
CA THR A 47 7.76 -11.63 10.57
C THR A 47 7.95 -10.28 9.89
N GLY A 48 7.95 -10.29 8.56
CA GLY A 48 8.16 -9.07 7.79
C GLY A 48 7.04 -8.05 8.00
N ASP A 49 5.79 -8.52 8.06
CA ASP A 49 4.67 -7.59 8.23
C ASP A 49 4.84 -6.90 9.59
N TYR A 50 5.13 -7.67 10.63
CA TYR A 50 5.25 -7.09 11.95
C TYR A 50 6.45 -6.16 12.08
N ALA A 51 7.57 -6.57 11.48
CA ALA A 51 8.80 -5.75 11.52
C ALA A 51 8.55 -4.40 10.83
N ALA A 52 7.90 -4.45 9.70
CA ALA A 52 7.57 -3.22 8.97
C ALA A 52 6.64 -2.36 9.82
N GLN A 53 5.62 -2.94 10.44
CA GLN A 53 4.71 -2.14 11.25
C GLN A 53 5.44 -1.51 12.39
N THR A 54 6.35 -2.28 13.02
CA THR A 54 7.15 -1.78 14.14
C THR A 54 8.00 -0.59 13.75
N ILE A 55 8.77 -0.73 12.67
CA ILE A 55 9.62 0.36 12.24
C ILE A 55 8.76 1.60 11.96
N ILE A 56 7.67 1.42 11.24
CA ILE A 56 6.92 2.59 10.75
C ILE A 56 6.22 3.30 11.93
N ILE A 57 5.51 2.55 12.76
CA ILE A 57 4.85 3.18 13.90
C ILE A 57 5.87 3.75 14.85
N ASN A 58 7.00 3.11 15.09
CA ASN A 58 7.98 3.72 15.98
C ASN A 58 8.50 5.05 15.42
N ALA A 59 8.64 5.10 14.11
CA ALA A 59 9.10 6.34 13.51
C ALA A 59 8.03 7.43 13.65
N ILE A 60 6.76 7.09 13.41
CA ILE A 60 5.68 8.06 13.58
C ILE A 60 5.68 8.57 15.01
N LYS A 61 5.71 7.65 15.99
CA LYS A 61 5.59 8.04 17.40
C LYS A 61 6.79 8.83 17.89
N SER A 62 7.98 8.56 17.36
CA SER A 62 9.18 9.30 17.76
C SER A 62 9.08 10.75 17.30
N ASN A 63 8.41 10.97 16.20
CA ASN A 63 8.29 12.28 15.59
C ASN A 63 7.00 12.99 15.95
N PHE A 64 5.97 12.22 16.29
CA PHE A 64 4.62 12.76 16.61
C PHE A 64 4.02 11.88 17.74
N PRO A 65 4.47 12.09 18.96
CA PRO A 65 4.18 11.18 20.08
C PRO A 65 2.70 10.94 20.35
N ASP A 66 1.83 11.88 20.04
CA ASP A 66 0.43 11.73 20.37
C ASP A 66 -0.35 11.14 19.21
N ASP A 67 0.28 10.93 18.06
CA ASP A 67 -0.53 10.59 16.89
C ASP A 67 -1.15 9.20 16.95
N LYS A 68 -2.35 9.16 16.37
CA LYS A 68 -3.15 7.95 16.28
C LYS A 68 -2.81 7.18 14.98
N VAL A 69 -2.84 5.85 15.07
CA VAL A 69 -2.54 4.96 13.93
C VAL A 69 -3.54 3.85 13.78
N VAL A 70 -4.09 3.70 12.57
CA VAL A 70 -4.85 2.51 12.17
C VAL A 70 -3.83 1.64 11.42
N GLY A 71 -3.35 0.57 12.05
CA GLY A 71 -2.44 -0.38 11.44
C GLY A 71 -3.07 -1.75 11.36
N GLU A 72 -2.79 -2.49 10.30
CA GLU A 72 -3.46 -3.75 10.07
C GLU A 72 -3.22 -4.75 11.21
N GLU A 73 -2.00 -4.81 11.71
CA GLU A 73 -1.57 -5.93 12.57
C GLU A 73 -1.62 -5.61 14.05
N SER A 74 -1.62 -6.69 14.83
CA SER A 74 -1.72 -6.65 16.28
C SER A 74 -0.74 -7.66 16.85
N SER A 75 -0.17 -7.38 18.01
CA SER A 75 0.81 -8.30 18.63
C SER A 75 0.19 -9.35 19.50
N SER A 76 -1.12 -9.29 19.69
CA SER A 76 -1.77 -10.19 20.63
C SER A 76 -1.48 -11.65 20.29
N GLY A 77 -1.09 -12.42 21.29
CA GLY A 77 -0.77 -13.82 21.06
C GLY A 77 0.60 -14.17 20.51
N LEU A 78 1.37 -13.20 20.02
CA LEU A 78 2.69 -13.53 19.54
C LEU A 78 3.57 -14.01 20.70
N SER A 79 4.34 -15.06 20.47
CA SER A 79 5.24 -15.56 21.50
C SER A 79 6.50 -14.69 21.62
N ASP A 80 7.21 -14.79 22.73
CA ASP A 80 8.45 -14.06 22.91
C ASP A 80 9.45 -14.43 21.83
N ALA A 81 9.49 -15.70 21.45
CA ALA A 81 10.42 -16.16 20.41
C ALA A 81 10.08 -15.48 19.08
N PHE A 82 8.80 -15.37 18.79
CA PHE A 82 8.41 -14.75 17.52
C PHE A 82 8.76 -13.26 17.54
N VAL A 83 8.48 -12.62 18.66
CA VAL A 83 8.86 -11.23 18.83
C VAL A 83 10.37 -11.00 18.79
N SER A 84 11.19 -11.89 19.37
CA SER A 84 12.61 -11.70 19.28
C SER A 84 13.08 -11.74 17.83
N GLY A 85 12.38 -12.54 17.02
CA GLY A 85 12.69 -12.66 15.63
C GLY A 85 12.37 -11.38 14.91
N ILE A 86 11.23 -10.78 15.23
CA ILE A 86 10.90 -9.45 14.71
C ILE A 86 12.02 -8.46 15.03
N LEU A 87 12.38 -8.37 16.29
CA LEU A 87 13.38 -7.41 16.73
C LEU A 87 14.71 -7.66 16.05
N ASN A 88 15.10 -8.94 15.95
CA ASN A 88 16.35 -9.25 15.33
C ASN A 88 16.38 -8.81 13.88
N GLU A 89 15.28 -9.04 13.17
CA GLU A 89 15.24 -8.58 11.78
C GLU A 89 15.35 -7.06 11.69
N ILE A 90 14.73 -6.33 12.63
CA ILE A 90 14.83 -4.88 12.63
C ILE A 90 16.29 -4.46 12.84
N LYS A 91 16.97 -5.10 13.77
CA LYS A 91 18.36 -4.67 14.04
C LYS A 91 19.30 -5.09 12.92
N ALA A 92 19.06 -6.24 12.29
CA ALA A 92 19.89 -6.62 11.14
C ALA A 92 19.72 -5.62 10.02
N ASN A 93 18.48 -5.21 9.80
CA ASN A 93 18.23 -4.19 8.79
C ASN A 93 18.88 -2.85 9.11
N ASP A 94 18.85 -2.43 10.38
CA ASP A 94 19.48 -1.18 10.82
C ASP A 94 20.96 -1.17 10.48
N GLU A 95 21.61 -2.33 10.59
CA GLU A 95 23.03 -2.39 10.32
C GLU A 95 23.35 -2.20 8.84
N VAL A 96 22.50 -2.70 7.96
CA VAL A 96 22.68 -2.46 6.54
C VAL A 96 22.28 -1.04 6.19
N TYR A 97 21.13 -0.62 6.71
CA TYR A 97 20.54 0.66 6.37
C TYR A 97 21.42 1.84 6.78
N ASN A 98 21.93 1.82 8.01
CA ASN A 98 22.71 2.93 8.54
C ASN A 98 24.08 3.05 7.80
N LYS A 99 24.63 1.94 7.32
CA LYS A 99 25.89 2.00 6.52
C LYS A 99 25.67 2.73 5.20
N ASN A 100 24.53 2.44 4.58
CA ASN A 100 24.34 2.74 3.17
C ASN A 100 23.37 3.89 2.85
N TYR A 101 22.33 4.05 3.67
CA TYR A 101 21.15 4.84 3.29
C TYR A 101 20.76 5.86 4.35
N LYS A 102 21.60 6.07 5.36
CA LYS A 102 21.25 6.97 6.45
C LYS A 102 20.81 8.40 6.04
N LYS A 103 19.68 8.86 6.54
CA LYS A 103 19.19 10.22 6.28
C LYS A 103 19.65 11.13 7.42
N ASP A 104 20.42 12.17 7.12
CA ASP A 104 20.82 13.15 8.13
C ASP A 104 19.64 13.85 8.74
N ASP A 105 19.74 14.14 10.03
CA ASP A 105 18.73 14.87 10.72
C ASP A 105 17.35 14.21 10.59
N PHE A 106 17.32 12.89 10.73
CA PHE A 106 16.05 12.18 10.82
C PHE A 106 16.13 11.07 11.88
N LEU A 107 15.15 10.99 12.78
CA LEU A 107 15.12 10.00 13.83
C LEU A 107 14.02 8.93 13.67
N PHE A 108 14.45 7.68 13.76
CA PHE A 108 13.55 6.54 13.74
C PHE A 108 13.12 6.08 15.12
N THR A 109 13.91 6.46 16.13
CA THR A 109 13.69 6.07 17.51
C THR A 109 14.18 7.20 18.35
N ASN A 110 13.74 7.24 19.59
CA ASN A 110 14.22 8.23 20.55
C ASN A 110 14.11 7.69 21.98
N ASP A 111 14.35 8.60 22.93
CA ASP A 111 14.26 8.28 24.35
C ASP A 111 12.95 7.62 24.76
N GLN A 112 11.84 8.19 24.31
CA GLN A 112 10.51 7.70 24.65
C GLN A 112 10.17 6.37 23.97
N PHE A 113 10.62 6.23 22.72
CA PHE A 113 10.35 5.06 21.91
C PHE A 113 11.64 4.49 21.36
N PRO A 114 12.42 3.82 22.21
CA PRO A 114 13.76 3.39 21.84
C PRO A 114 13.88 2.08 21.04
N LEU A 115 12.79 1.32 20.98
CA LEU A 115 12.75 0.12 20.19
C LEU A 115 13.94 -0.79 20.56
N LYS A 116 13.98 -1.17 21.83
CA LYS A 116 15.11 -1.97 22.33
C LYS A 116 14.69 -3.34 22.85
N SER A 117 13.48 -3.45 23.39
CA SER A 117 13.02 -4.65 24.05
C SER A 117 11.83 -5.32 23.37
N LEU A 118 11.55 -6.56 23.75
CA LEU A 118 10.38 -7.27 23.25
C LEU A 118 9.10 -6.52 23.60
N GLU A 119 9.05 -5.94 24.78
CA GLU A 119 7.90 -5.20 25.23
C GLU A 119 7.70 -3.93 24.39
N ASP A 120 8.80 -3.29 23.99
CA ASP A 120 8.72 -2.14 23.09
C ASP A 120 8.04 -2.57 21.78
N VAL A 121 8.47 -3.71 21.24
CA VAL A 121 7.92 -4.16 19.96
C VAL A 121 6.42 -4.37 20.07
N ARG A 122 5.98 -5.06 21.11
CA ARG A 122 4.58 -5.33 21.30
C ARG A 122 3.81 -4.03 21.42
N GLN A 123 4.33 -3.12 22.25
CA GLN A 123 3.66 -1.85 22.48
C GLN A 123 3.51 -1.09 21.15
N ILE A 124 4.60 -1.04 20.39
CA ILE A 124 4.55 -0.25 19.14
C ILE A 124 3.55 -0.86 18.14
N ILE A 125 3.60 -2.17 17.95
CA ILE A 125 2.68 -2.80 17.03
C ILE A 125 1.24 -2.41 17.42
N ASP A 126 0.99 -2.45 18.73
CA ASP A 126 -0.35 -2.25 19.21
C ASP A 126 -0.86 -0.82 19.22
N PHE A 127 0.01 0.17 18.97
CA PHE A 127 -0.43 1.53 18.71
C PHE A 127 -1.19 1.57 17.39
N GLY A 128 -1.21 0.51 16.60
CA GLY A 128 -2.06 0.50 15.41
C GLY A 128 -3.53 0.13 15.60
N ASN A 129 -3.99 0.16 16.86
CA ASN A 129 -5.33 -0.26 17.14
C ASN A 129 -6.41 0.82 17.11
N TYR A 130 -6.13 1.96 16.49
CA TYR A 130 -7.13 3.02 16.40
C TYR A 130 -8.27 2.62 15.46
N GLU A 131 -9.48 3.13 15.71
CA GLU A 131 -10.63 2.74 14.91
C GLU A 131 -10.90 3.64 13.73
N GLY A 132 -10.10 4.67 13.56
CA GLY A 132 -10.33 5.64 12.51
C GLY A 132 -11.59 6.47 12.73
N GLY A 133 -12.19 6.92 11.65
CA GLY A 133 -13.43 7.71 11.75
C GLY A 133 -13.41 9.10 11.15
N ARG A 134 -14.48 9.83 11.45
CA ARG A 134 -14.88 10.97 10.64
C ARG A 134 -14.08 12.21 10.89
N LYS A 135 -13.63 12.41 12.13
CA LYS A 135 -12.95 13.62 12.54
C LYS A 135 -11.51 13.38 12.94
N GLY A 136 -10.68 14.38 12.70
CA GLY A 136 -9.34 14.41 13.18
C GLY A 136 -8.31 13.71 12.29
N ARG A 137 -7.09 13.69 12.79
CA ARG A 137 -5.92 13.20 12.06
C ARG A 137 -5.56 11.79 12.56
N PHE A 138 -5.26 10.88 11.63
CA PHE A 138 -4.68 9.61 11.97
C PHE A 138 -3.94 9.01 10.79
N TRP A 139 -2.96 8.17 11.09
CA TRP A 139 -2.20 7.46 10.07
C TRP A 139 -2.90 6.15 9.78
N CYS A 140 -2.65 5.61 8.59
CA CYS A 140 -3.30 4.41 8.12
C CYS A 140 -2.23 3.57 7.43
N LEU A 141 -2.01 2.36 7.89
CA LEU A 141 -0.85 1.56 7.55
C LEU A 141 -1.18 0.12 7.22
N ASP A 142 -0.73 -0.33 6.06
CA ASP A 142 -0.63 -1.74 5.76
C ASP A 142 0.88 -2.02 5.59
N PRO A 143 1.49 -2.66 6.57
CA PRO A 143 2.94 -2.81 6.61
C PRO A 143 3.51 -3.68 5.49
N ILE A 144 2.81 -4.75 5.16
CA ILE A 144 3.00 -5.44 3.90
C ILE A 144 1.66 -5.63 3.24
N ASP A 145 1.35 -4.88 2.22
CA ASP A 145 0.16 -5.08 1.40
C ASP A 145 0.51 -6.09 0.36
N GLY A 146 -0.26 -7.14 0.32
CA GLY A 146 0.02 -8.21 -0.60
C GLY A 146 0.89 -9.28 0.06
N THR A 147 0.61 -9.66 1.30
CA THR A 147 1.41 -10.68 1.98
C THR A 147 1.46 -11.97 1.21
N LYS A 148 0.37 -12.31 0.54
CA LYS A 148 0.39 -13.53 -0.28
C LYS A 148 1.36 -13.42 -1.45
N GLY A 149 1.36 -12.28 -2.13
CA GLY A 149 2.37 -11.98 -3.12
C GLY A 149 3.78 -12.00 -2.55
N PHE A 150 3.99 -11.38 -1.40
CA PHE A 150 5.27 -11.44 -0.68
C PHE A 150 5.71 -12.90 -0.55
N LEU A 151 4.79 -13.78 -0.10
CA LEU A 151 5.16 -15.17 0.13
C LEU A 151 5.32 -15.96 -1.16
N ARG A 152 4.84 -15.42 -2.28
CA ARG A 152 5.10 -16.07 -3.58
C ARG A 152 6.38 -15.58 -4.22
N GLY A 153 7.08 -14.66 -3.56
CA GLY A 153 8.28 -14.03 -4.09
C GLY A 153 7.99 -13.04 -5.19
N GLU A 154 6.76 -12.51 -5.19
CA GLU A 154 6.32 -11.60 -6.21
C GLU A 154 6.14 -10.17 -5.68
N GLN A 155 5.28 -9.38 -6.30
CA GLN A 155 5.08 -7.99 -5.85
C GLN A 155 4.31 -7.86 -4.56
N PHE A 156 4.68 -6.84 -3.79
CA PHE A 156 4.01 -6.43 -2.56
C PHE A 156 4.34 -4.94 -2.39
N ALA A 157 3.68 -4.31 -1.43
CA ALA A 157 3.91 -2.91 -1.14
C ALA A 157 3.86 -2.60 0.33
N VAL A 158 4.58 -1.58 0.74
CA VAL A 158 4.55 -1.05 2.09
C VAL A 158 3.76 0.26 2.03
N CYS A 159 2.64 0.40 2.72
CA CYS A 159 1.67 1.46 2.42
C CYS A 159 1.28 2.29 3.62
N LEU A 160 1.52 3.59 3.57
CA LEU A 160 1.25 4.52 4.66
C LEU A 160 0.50 5.71 4.15
N ALA A 161 -0.50 6.16 4.90
CA ALA A 161 -1.25 7.33 4.55
C ALA A 161 -1.56 8.12 5.79
N LEU A 162 -1.89 9.38 5.61
CA LEU A 162 -2.37 10.24 6.70
C LEU A 162 -3.75 10.73 6.27
N ILE A 163 -4.73 10.50 7.14
CA ILE A 163 -6.10 10.90 6.92
C ILE A 163 -6.43 12.04 7.90
N VAL A 164 -7.10 13.06 7.41
CA VAL A 164 -7.54 14.19 8.25
C VAL A 164 -8.98 14.45 7.91
N ASP A 165 -9.84 14.36 8.92
CA ASP A 165 -11.25 14.60 8.75
C ASP A 165 -11.83 13.76 7.62
N GLY A 166 -11.43 12.48 7.57
CA GLY A 166 -12.01 11.53 6.66
C GLY A 166 -11.46 11.57 5.25
N VAL A 167 -10.50 12.44 5.00
CA VAL A 167 -9.94 12.61 3.66
C VAL A 167 -8.44 12.27 3.71
N VAL A 168 -7.98 11.48 2.74
CA VAL A 168 -6.57 11.14 2.66
C VAL A 168 -5.77 12.35 2.17
N GLN A 169 -4.89 12.86 3.02
CA GLN A 169 -4.09 14.01 2.68
C GLN A 169 -2.72 13.70 2.20
N LEU A 170 -2.22 12.51 2.51
CA LEU A 170 -0.83 12.18 2.25
C LEU A 170 -0.72 10.67 2.08
N GLY A 171 0.05 10.22 1.10
CA GLY A 171 0.25 8.82 0.81
C GLY A 171 1.67 8.53 0.43
N CYS A 172 2.14 7.34 0.81
CA CYS A 172 3.48 6.92 0.52
C CYS A 172 3.44 5.41 0.38
N ILE A 173 3.85 4.92 -0.77
CA ILE A 173 3.86 3.49 -1.09
C ILE A 173 5.25 3.03 -1.54
N GLY A 174 5.83 2.10 -0.81
CA GLY A 174 7.09 1.47 -1.18
C GLY A 174 6.80 0.21 -1.93
N CYS A 175 7.39 0.06 -3.09
CA CYS A 175 7.26 -1.13 -3.93
C CYS A 175 8.64 -1.77 -4.13
N PRO A 176 9.07 -2.58 -3.18
CA PRO A 176 10.47 -2.97 -3.13
C PRO A 176 10.92 -3.88 -4.23
N ASN A 177 9.99 -4.57 -4.88
CA ASN A 177 10.33 -5.50 -5.97
C ASN A 177 9.91 -5.04 -7.33
N LEU A 178 9.45 -3.81 -7.45
CA LEU A 178 8.90 -3.34 -8.70
C LEU A 178 10.02 -2.98 -9.66
N VAL A 179 10.08 -3.71 -10.75
CA VAL A 179 11.02 -3.43 -11.84
C VAL A 179 10.19 -2.95 -13.03
N LEU A 180 10.37 -1.69 -13.43
CA LEU A 180 9.52 -1.07 -14.41
C LEU A 180 9.72 -1.63 -15.82
N SER A 181 10.88 -2.21 -16.07
CA SER A 181 11.15 -2.77 -17.39
C SER A 181 10.22 -3.95 -17.66
N SER A 182 9.64 -4.52 -16.60
CA SER A 182 8.64 -5.59 -16.75
C SER A 182 7.31 -5.08 -17.28
N TYR A 183 7.11 -3.76 -17.23
CA TYR A 183 5.81 -3.16 -17.49
C TYR A 183 5.96 -2.16 -18.63
N GLY A 184 6.94 -2.44 -19.47
CA GLY A 184 7.18 -1.66 -20.67
C GLY A 184 8.26 -0.61 -20.53
N ALA A 185 8.36 -0.06 -19.32
CA ALA A 185 8.98 1.23 -19.05
C ALA A 185 10.46 1.12 -18.69
N GLN A 186 11.08 2.27 -18.52
CA GLN A 186 12.48 2.34 -18.16
C GLN A 186 12.59 2.48 -16.66
N ASP A 187 13.57 1.80 -16.09
CA ASP A 187 13.89 2.01 -14.69
C ASP A 187 14.84 3.18 -14.46
N LEU A 188 14.81 3.69 -13.23
CA LEU A 188 15.68 4.76 -12.81
C LEU A 188 16.91 4.22 -12.03
N LYS A 189 18.04 4.91 -12.19
CA LYS A 189 19.27 4.60 -11.48
C LYS A 189 18.99 4.44 -9.99
N GLY A 190 19.37 3.28 -9.44
CA GLY A 190 19.27 2.99 -8.02
C GLY A 190 18.08 2.09 -7.71
N HIS A 191 17.23 1.83 -8.68
CA HIS A 191 16.05 0.97 -8.46
C HIS A 191 16.35 -0.44 -8.01
N GLU A 192 17.51 -0.97 -8.34
CA GLU A 192 17.77 -2.38 -8.19
C GLU A 192 17.86 -2.81 -6.74
N SER A 193 18.29 -1.91 -5.85
CA SER A 193 18.53 -2.33 -4.48
C SER A 193 17.25 -2.63 -3.71
N PHE A 194 16.28 -1.70 -3.75
CA PHE A 194 14.97 -1.98 -3.12
C PHE A 194 13.81 -1.21 -3.72
N GLY A 195 13.81 -1.15 -5.03
CA GLY A 195 12.61 -0.75 -5.73
C GLY A 195 12.35 0.74 -5.72
N TYR A 196 11.07 1.12 -5.62
CA TYR A 196 10.66 2.49 -5.75
C TYR A 196 9.78 2.94 -4.58
N ILE A 197 9.77 4.22 -4.30
CA ILE A 197 8.77 4.84 -3.45
C ILE A 197 7.95 5.84 -4.25
N PHE A 198 6.64 5.77 -4.10
CA PHE A 198 5.67 6.69 -4.66
C PHE A 198 5.05 7.49 -3.55
N ARG A 199 4.80 8.78 -3.77
CA ARG A 199 4.23 9.59 -2.70
C ARG A 199 3.45 10.75 -3.26
N ALA A 200 2.55 11.28 -2.45
CA ALA A 200 1.74 12.42 -2.84
C ALA A 200 1.17 13.09 -1.62
N VAL A 201 1.02 14.40 -1.73
CA VAL A 201 0.26 15.19 -0.77
C VAL A 201 -0.83 15.91 -1.55
N ARG A 202 -2.03 15.89 -1.00
CA ARG A 202 -3.17 16.46 -1.67
C ARG A 202 -2.92 17.91 -2.09
N GLY A 203 -3.19 18.18 -3.36
CA GLY A 203 -2.99 19.47 -3.98
C GLY A 203 -1.57 19.81 -4.36
N LEU A 204 -0.64 18.90 -4.11
CA LEU A 204 0.78 19.19 -4.34
C LEU A 204 1.44 18.29 -5.39
N GLY A 205 0.69 17.34 -5.97
CA GLY A 205 1.24 16.42 -6.94
C GLY A 205 1.69 15.03 -6.43
N ALA A 206 1.86 14.12 -7.40
CA ALA A 206 2.38 12.77 -7.12
C ALA A 206 3.78 12.60 -7.71
N PHE A 207 4.65 11.89 -7.01
CA PHE A 207 6.05 11.75 -7.39
C PHE A 207 6.56 10.36 -7.09
N TYR A 208 7.67 9.97 -7.69
CA TYR A 208 8.34 8.73 -7.33
C TYR A 208 9.83 8.88 -7.37
N SER A 209 10.53 7.95 -6.76
CA SER A 209 11.98 7.92 -6.70
C SER A 209 12.40 6.49 -6.40
N PRO A 210 13.52 6.02 -6.89
CA PRO A 210 14.08 4.78 -6.35
C PRO A 210 14.19 4.84 -4.84
N SER A 211 13.83 3.75 -4.17
CA SER A 211 13.83 3.73 -2.70
C SER A 211 15.20 4.10 -2.15
N SER A 212 16.24 3.65 -2.83
CA SER A 212 17.62 3.92 -2.38
C SER A 212 18.01 5.41 -2.44
N ASP A 213 17.29 6.15 -3.29
CA ASP A 213 17.46 7.58 -3.51
C ASP A 213 16.52 8.28 -2.53
N ALA A 214 15.26 8.40 -2.91
CA ALA A 214 14.26 9.08 -2.08
C ALA A 214 14.59 10.54 -1.76
N GLU A 215 15.38 11.14 -2.65
CA GLU A 215 15.80 12.53 -2.53
C GLU A 215 15.44 13.31 -3.78
N SER A 216 15.80 12.75 -4.92
CA SER A 216 15.36 13.26 -6.21
C SER A 216 14.01 12.67 -6.59
N TRP A 217 13.01 13.54 -6.72
CA TRP A 217 11.61 13.11 -6.97
C TRP A 217 11.16 13.50 -8.35
N THR A 218 10.59 12.54 -9.07
CA THR A 218 10.12 12.73 -10.43
C THR A 218 8.60 12.77 -10.44
N LYS A 219 8.01 13.81 -11.03
CA LYS A 219 6.56 13.95 -11.00
C LYS A 219 5.95 12.93 -11.94
N ILE A 220 4.78 12.42 -11.58
CA ILE A 220 4.06 11.41 -12.37
C ILE A 220 2.64 11.86 -12.68
N HIS A 221 2.10 11.32 -13.75
CA HIS A 221 0.74 11.58 -14.13
C HIS A 221 0.21 10.40 -14.92
N VAL A 222 -1.08 10.14 -14.80
CA VAL A 222 -1.72 9.09 -15.58
C VAL A 222 -1.58 9.39 -17.07
N ARG A 223 -1.71 8.34 -17.86
CA ARG A 223 -1.75 8.55 -19.31
C ARG A 223 -3.18 8.63 -19.77
N HIS A 224 -3.40 9.22 -20.94
CA HIS A 224 -4.74 9.33 -21.44
C HIS A 224 -4.84 8.75 -22.86
N LEU A 225 -5.21 7.48 -22.92
CA LEU A 225 -5.52 6.84 -24.19
C LEU A 225 -6.99 7.12 -24.51
N LYS A 226 -7.31 7.12 -25.79
CA LYS A 226 -8.67 7.42 -26.21
C LYS A 226 -9.27 6.16 -26.78
N ASP A 227 -8.42 5.35 -27.42
CA ASP A 227 -8.83 4.08 -27.99
C ASP A 227 -8.83 3.04 -26.87
N THR A 228 -9.97 2.94 -26.19
CA THR A 228 -10.12 2.04 -25.06
C THR A 228 -9.60 0.66 -25.36
N LYS A 229 -9.68 0.26 -26.64
CA LYS A 229 -9.24 -1.07 -27.03
C LYS A 229 -7.75 -1.20 -26.78
N ASP A 230 -7.07 -0.08 -26.57
CA ASP A 230 -5.63 -0.09 -26.36
C ASP A 230 -5.27 -0.09 -24.88
N MET A 231 -6.29 -0.06 -24.04
CA MET A 231 -6.08 0.10 -22.60
C MET A 231 -5.62 -1.19 -21.93
N ILE A 232 -5.00 -1.04 -20.75
CA ILE A 232 -4.51 -2.17 -19.97
C ILE A 232 -5.22 -2.12 -18.62
N THR A 233 -5.74 -3.26 -18.18
CA THR A 233 -6.28 -3.35 -16.83
C THR A 233 -5.22 -3.81 -15.84
N LEU A 234 -5.48 -3.46 -14.59
CA LEU A 234 -4.73 -3.92 -13.45
C LEU A 234 -5.70 -4.67 -12.59
N GLU A 235 -5.30 -5.86 -12.14
CA GLU A 235 -6.09 -6.69 -11.27
C GLU A 235 -5.20 -7.42 -10.32
N GLY A 236 -5.75 -7.80 -9.19
CA GLY A 236 -5.09 -8.72 -8.27
C GLY A 236 -4.82 -10.09 -8.90
N VAL A 237 -3.92 -10.86 -8.28
CA VAL A 237 -3.62 -12.23 -8.74
C VAL A 237 -4.50 -13.24 -8.03
N GLU A 238 -4.70 -13.01 -6.74
CA GLU A 238 -5.41 -13.96 -5.90
C GLU A 238 -6.90 -14.01 -6.27
N LYS A 239 -7.36 -15.20 -6.62
CA LYS A 239 -8.72 -15.41 -7.12
C LYS A 239 -9.78 -15.03 -6.10
N GLY A 240 -9.44 -15.12 -4.81
CA GLY A 240 -10.40 -14.88 -3.74
C GLY A 240 -10.38 -13.46 -3.19
N HIS A 241 -9.58 -12.59 -3.79
CA HIS A 241 -9.52 -11.19 -3.37
C HIS A 241 -10.45 -10.31 -4.22
N SER A 242 -10.74 -10.74 -5.45
CA SER A 242 -11.61 -9.98 -6.34
C SER A 242 -12.32 -10.97 -7.28
N SER A 243 -13.52 -10.62 -7.76
CA SER A 243 -14.24 -11.51 -8.68
C SER A 243 -13.62 -11.44 -10.08
N HIS A 244 -12.62 -12.27 -10.33
CA HIS A 244 -11.86 -12.14 -11.57
C HIS A 244 -12.78 -12.44 -12.76
N ASP A 245 -13.77 -13.31 -12.59
CA ASP A 245 -14.63 -13.66 -13.73
C ASP A 245 -15.57 -12.53 -14.13
N GLU A 246 -16.05 -11.78 -13.15
CA GLU A 246 -16.83 -10.59 -13.46
C GLU A 246 -15.98 -9.44 -13.98
N GLN A 247 -14.75 -9.35 -13.51
CA GLN A 247 -13.82 -8.38 -14.03
C GLN A 247 -13.52 -8.65 -15.50
N THR A 248 -13.38 -9.92 -15.87
CA THR A 248 -13.15 -10.28 -17.26
C THR A 248 -14.38 -9.93 -18.12
N ALA A 249 -15.57 -10.17 -17.55
CA ALA A 249 -16.80 -9.76 -18.20
C ALA A 249 -16.79 -8.27 -18.53
N ILE A 250 -16.39 -7.44 -17.57
CA ILE A 250 -16.26 -6.01 -17.87
C ILE A 250 -15.31 -5.79 -19.01
N LYS A 251 -14.15 -6.43 -18.96
CA LYS A 251 -13.16 -6.30 -20.02
C LYS A 251 -13.69 -6.74 -21.38
N ASN A 252 -14.37 -7.88 -21.41
CA ASN A 252 -14.93 -8.37 -22.67
C ASN A 252 -15.85 -7.29 -23.24
N LYS A 253 -16.75 -6.81 -22.39
CA LYS A 253 -17.80 -5.86 -22.79
C LYS A 253 -17.21 -4.55 -23.30
N LEU A 254 -16.10 -4.11 -22.73
CA LEU A 254 -15.50 -2.85 -23.13
C LEU A 254 -14.38 -3.01 -24.13
N ASN A 255 -14.10 -4.24 -24.53
CA ASN A 255 -13.00 -4.53 -25.47
C ASN A 255 -11.62 -4.15 -24.96
N ILE A 256 -11.39 -4.26 -23.65
CA ILE A 256 -10.09 -3.96 -23.05
C ILE A 256 -9.38 -5.27 -22.74
N SER A 257 -8.67 -5.82 -23.73
CA SER A 257 -8.12 -7.16 -23.63
C SER A 257 -6.88 -7.27 -22.74
N LYS A 258 -5.97 -6.31 -22.87
CA LYS A 258 -4.64 -6.39 -22.25
C LYS A 258 -4.75 -6.32 -20.73
N SER A 259 -3.95 -7.14 -20.04
CA SER A 259 -4.13 -7.44 -18.64
C SER A 259 -2.79 -7.51 -17.93
N LEU A 260 -2.71 -6.88 -16.76
CA LEU A 260 -1.60 -7.05 -15.83
C LEU A 260 -2.22 -7.52 -14.51
N HIS A 261 -1.64 -8.54 -13.91
CA HIS A 261 -2.05 -9.03 -12.60
C HIS A 261 -0.87 -8.97 -11.66
N LEU A 262 -1.09 -8.35 -10.50
CA LEU A 262 -0.11 -8.33 -9.44
C LEU A 262 -0.80 -7.96 -8.17
N ASP A 263 -0.18 -8.34 -7.05
CA ASP A 263 -0.71 -8.05 -5.75
C ASP A 263 -0.31 -6.63 -5.36
N SER A 264 -1.10 -6.05 -4.46
CA SER A 264 -0.78 -4.84 -3.67
C SER A 264 -1.14 -3.54 -4.36
N GLN A 265 -1.01 -2.44 -3.60
CA GLN A 265 -1.21 -1.11 -4.11
C GLN A 265 -0.12 -0.65 -5.08
N ALA A 266 0.85 -1.50 -5.37
CA ALA A 266 1.73 -1.27 -6.51
C ALA A 266 0.85 -1.02 -7.72
N LYS A 267 -0.34 -1.61 -7.79
CA LYS A 267 -1.22 -1.36 -8.93
C LYS A 267 -1.57 0.11 -9.09
N TYR A 268 -1.89 0.77 -7.99
CA TYR A 268 -2.17 2.18 -8.03
C TYR A 268 -0.96 2.99 -8.51
N CYS A 269 0.23 2.57 -8.11
CA CYS A 269 1.49 3.17 -8.55
C CYS A 269 1.67 3.05 -10.05
N LEU A 270 1.40 1.89 -10.62
CA LEU A 270 1.49 1.74 -12.07
C LEU A 270 0.47 2.58 -12.83
N LEU A 271 -0.73 2.67 -12.29
CA LEU A 271 -1.75 3.54 -12.88
C LEU A 271 -1.28 5.01 -12.86
N ALA A 272 -0.82 5.45 -11.70
CA ALA A 272 -0.35 6.83 -11.49
C ALA A 272 0.86 7.18 -12.34
N LEU A 273 1.69 6.19 -12.63
CA LEU A 273 2.91 6.38 -13.44
C LEU A 273 2.52 6.46 -14.93
N GLY A 274 1.33 5.99 -15.25
CA GLY A 274 0.83 5.97 -16.63
C GLY A 274 1.19 4.72 -17.41
N LEU A 275 1.34 3.58 -16.74
CA LEU A 275 1.67 2.32 -17.42
C LEU A 275 0.47 1.37 -17.63
N ALA A 276 -0.68 1.73 -17.06
CA ALA A 276 -1.91 0.97 -17.27
C ALA A 276 -3.04 1.98 -17.05
N ASP A 277 -4.28 1.58 -17.28
CA ASP A 277 -5.39 2.52 -17.48
C ASP A 277 -6.55 2.37 -16.53
N VAL A 278 -6.81 1.15 -16.08
CA VAL A 278 -8.00 0.83 -15.31
C VAL A 278 -7.68 -0.24 -14.29
N TYR A 279 -7.97 0.02 -13.02
CA TYR A 279 -7.81 -0.95 -11.95
C TYR A 279 -9.19 -1.43 -11.56
N LEU A 280 -9.41 -2.75 -11.52
CA LEU A 280 -10.70 -3.33 -11.21
C LEU A 280 -10.58 -4.21 -9.98
N ARG A 281 -11.41 -3.94 -8.98
CA ARG A 281 -11.53 -4.82 -7.82
C ARG A 281 -13.02 -4.93 -7.44
N LEU A 282 -13.68 -5.91 -8.04
CA LEU A 282 -15.06 -6.23 -7.70
C LEU A 282 -15.14 -7.20 -6.54
N PRO A 283 -16.11 -7.00 -5.68
CA PRO A 283 -16.31 -7.89 -4.54
C PRO A 283 -16.86 -9.24 -5.02
N ILE A 284 -16.38 -10.33 -4.46
CA ILE A 284 -16.99 -11.61 -4.71
C ILE A 284 -18.24 -11.63 -3.87
N LYS A 285 -18.06 -11.37 -2.58
CA LYS A 285 -19.19 -11.34 -1.68
C LYS A 285 -19.52 -9.91 -1.31
N LEU A 286 -20.79 -9.56 -1.44
CA LEU A 286 -21.24 -8.20 -1.27
C LEU A 286 -21.26 -7.78 0.18
N SER A 287 -21.07 -8.72 1.08
CA SER A 287 -20.95 -8.36 2.48
C SER A 287 -19.55 -7.86 2.82
N TYR A 288 -18.57 -8.13 1.95
CA TYR A 288 -17.16 -7.77 2.27
C TYR A 288 -16.95 -6.25 2.30
N GLN A 289 -16.34 -5.72 3.35
CA GLN A 289 -15.99 -4.28 3.43
C GLN A 289 -14.47 -4.17 3.35
N GLU A 290 -14.03 -3.48 2.32
CA GLU A 290 -12.61 -3.25 2.11
C GLU A 290 -12.01 -2.51 3.29
N LYS A 291 -10.79 -2.89 3.64
CA LYS A 291 -10.09 -2.22 4.71
C LYS A 291 -9.47 -0.94 4.17
N ILE A 292 -9.48 0.11 4.99
CA ILE A 292 -8.97 1.40 4.50
C ILE A 292 -7.49 1.34 4.15
N TRP A 293 -6.71 0.50 4.84
CA TRP A 293 -5.27 0.46 4.60
C TRP A 293 -4.95 -0.22 3.27
N ASP A 294 -5.91 -0.90 2.66
CA ASP A 294 -5.70 -1.48 1.35
C ASP A 294 -5.85 -0.46 0.22
N HIS A 295 -6.32 0.75 0.55
CA HIS A 295 -6.62 1.73 -0.50
C HIS A 295 -6.22 3.17 -0.22
N ALA A 296 -5.93 3.54 1.03
CA ALA A 296 -5.77 4.96 1.38
C ALA A 296 -4.58 5.62 0.67
N ALA A 297 -3.42 5.01 0.75
CA ALA A 297 -2.27 5.62 0.13
C ALA A 297 -2.50 5.78 -1.39
N GLY A 298 -3.09 4.76 -2.02
CA GLY A 298 -3.32 4.82 -3.43
C GLY A 298 -4.29 5.91 -3.78
N ASN A 299 -5.27 6.16 -2.94
CA ASN A 299 -6.30 7.15 -3.20
C ASN A 299 -5.69 8.50 -3.52
N VAL A 300 -4.81 9.00 -2.67
CA VAL A 300 -4.26 10.31 -2.86
C VAL A 300 -3.23 10.35 -3.97
N ILE A 301 -2.47 9.26 -4.14
CA ILE A 301 -1.50 9.18 -5.22
C ILE A 301 -2.21 9.22 -6.57
N VAL A 302 -3.25 8.42 -6.73
CA VAL A 302 -4.04 8.42 -7.94
C VAL A 302 -4.68 9.80 -8.20
N HIS A 303 -5.25 10.40 -7.17
CA HIS A 303 -5.87 11.74 -7.32
C HIS A 303 -4.85 12.75 -7.84
N GLU A 304 -3.68 12.77 -7.19
CA GLU A 304 -2.65 13.73 -7.52
C GLU A 304 -1.99 13.48 -8.87
N ALA A 305 -2.06 12.24 -9.33
CA ALA A 305 -1.60 11.88 -10.66
C ALA A 305 -2.64 12.12 -11.76
N GLY A 306 -3.79 12.65 -11.38
CA GLY A 306 -4.84 13.00 -12.35
C GLY A 306 -5.85 11.91 -12.67
N GLY A 307 -5.89 10.83 -11.88
CA GLY A 307 -6.89 9.80 -12.08
C GLY A 307 -8.13 9.95 -11.23
N ILE A 308 -8.99 8.94 -11.32
CA ILE A 308 -10.29 8.88 -10.67
C ILE A 308 -10.40 7.59 -9.85
N HIS A 309 -11.00 7.67 -8.66
CA HIS A 309 -11.03 6.57 -7.70
C HIS A 309 -12.40 6.51 -7.07
N THR A 310 -13.13 5.43 -7.32
CA THR A 310 -14.48 5.25 -6.77
C THR A 310 -14.67 3.84 -6.30
N ASP A 311 -15.88 3.57 -5.82
CA ASP A 311 -16.31 2.19 -5.62
C ASP A 311 -16.57 1.51 -6.95
N ALA A 312 -17.08 0.28 -6.92
CA ALA A 312 -17.31 -0.50 -8.10
C ALA A 312 -18.77 -0.56 -8.52
N MET A 313 -19.66 0.14 -7.83
CA MET A 313 -21.09 0.01 -8.22
C MET A 313 -21.79 1.34 -8.41
N GLU A 314 -21.66 2.21 -7.41
CA GLU A 314 -22.41 3.45 -7.37
C GLU A 314 -21.73 4.62 -8.08
N ASP A 315 -20.43 4.50 -8.34
CA ASP A 315 -19.66 5.59 -8.94
C ASP A 315 -19.51 6.79 -8.00
N VAL A 316 -19.28 6.49 -6.71
CA VAL A 316 -19.10 7.53 -5.70
C VAL A 316 -17.66 7.52 -5.22
N PRO A 317 -17.15 8.65 -4.77
CA PRO A 317 -15.79 8.67 -4.22
C PRO A 317 -15.70 7.81 -2.99
N LEU A 318 -14.53 7.22 -2.75
CA LEU A 318 -14.36 6.45 -1.55
C LEU A 318 -14.28 7.38 -0.35
N ASP A 319 -14.91 6.94 0.73
CA ASP A 319 -15.04 7.69 1.98
C ASP A 319 -14.16 7.06 3.04
N PHE A 320 -13.02 7.71 3.32
CA PHE A 320 -12.06 7.22 4.30
C PHE A 320 -12.32 7.68 5.74
N GLY A 321 -13.56 8.11 6.01
CA GLY A 321 -13.93 8.50 7.36
C GLY A 321 -14.97 7.64 8.04
N ASN A 322 -15.13 6.42 7.52
CA ASN A 322 -16.16 5.48 7.99
C ASN A 322 -15.60 4.51 9.02
N GLY A 323 -14.34 4.66 9.43
CA GLY A 323 -13.72 3.72 10.32
C GLY A 323 -12.63 2.91 9.67
N ARG A 324 -12.43 1.67 10.10
CA ARG A 324 -11.38 0.84 9.54
C ARG A 324 -11.75 0.25 8.19
N THR A 325 -13.02 0.38 7.79
CA THR A 325 -13.49 -0.17 6.53
C THR A 325 -14.18 0.85 5.67
N LEU A 326 -14.27 0.52 4.37
CA LEU A 326 -15.03 1.30 3.43
C LEU A 326 -16.43 0.68 3.34
N ALA A 327 -17.44 1.52 3.37
CA ALA A 327 -18.83 1.06 3.41
C ALA A 327 -19.36 0.67 2.03
N THR A 328 -18.70 1.15 0.99
CA THR A 328 -19.11 0.85 -0.36
C THR A 328 -18.72 -0.57 -0.80
N LYS A 329 -19.04 -0.93 -2.03
CA LYS A 329 -18.75 -2.25 -2.57
C LYS A 329 -17.73 -2.14 -3.70
N GLY A 330 -16.59 -2.77 -3.50
CA GLY A 330 -15.56 -2.82 -4.50
C GLY A 330 -14.85 -1.49 -4.68
N VAL A 331 -13.88 -1.52 -5.57
CA VAL A 331 -13.08 -0.34 -5.90
C VAL A 331 -12.72 -0.35 -7.37
N ILE A 332 -12.85 0.81 -8.03
CA ILE A 332 -12.39 0.98 -9.39
C ILE A 332 -11.58 2.25 -9.47
N ALA A 333 -10.40 2.21 -10.09
CA ALA A 333 -9.64 3.42 -10.36
C ALA A 333 -9.32 3.48 -11.82
N SER A 334 -9.18 4.68 -12.38
CA SER A 334 -8.80 4.79 -13.78
C SER A 334 -8.05 6.06 -14.05
N SER A 335 -7.59 6.19 -15.28
CA SER A 335 -6.97 7.41 -15.78
C SER A 335 -7.98 8.45 -16.15
N GLY A 336 -9.27 8.12 -16.09
CA GLY A 336 -10.29 9.01 -16.63
C GLY A 336 -10.24 8.98 -18.14
N PRO A 337 -10.94 9.89 -18.82
CA PRO A 337 -11.71 10.96 -18.21
C PRO A 337 -12.97 10.44 -17.54
N ARG A 338 -13.74 11.35 -16.99
CA ARG A 338 -14.96 11.04 -16.27
C ARG A 338 -15.85 10.06 -17.04
N GLU A 339 -16.02 10.28 -18.34
CA GLU A 339 -16.97 9.47 -19.12
C GLU A 339 -16.51 8.05 -19.21
N LEU A 340 -15.21 7.84 -19.31
CA LEU A 340 -14.68 6.49 -19.39
C LEU A 340 -14.83 5.83 -18.04
N HIS A 341 -14.50 6.56 -16.97
CA HIS A 341 -14.65 6.02 -15.65
C HIS A 341 -16.07 5.62 -15.36
N ASP A 342 -17.00 6.50 -15.69
CA ASP A 342 -18.41 6.21 -15.47
C ASP A 342 -18.88 4.98 -16.25
N LEU A 343 -18.38 4.83 -17.47
CA LEU A 343 -18.67 3.63 -18.26
C LEU A 343 -18.18 2.36 -17.55
N VAL A 344 -16.94 2.40 -17.07
CA VAL A 344 -16.39 1.23 -16.40
C VAL A 344 -17.23 0.88 -15.20
N VAL A 345 -17.56 1.87 -14.37
CA VAL A 345 -18.32 1.57 -13.18
C VAL A 345 -19.72 1.10 -13.50
N SER A 346 -20.36 1.70 -14.50
CA SER A 346 -21.75 1.30 -14.78
C SER A 346 -21.78 -0.12 -15.36
N THR A 347 -20.73 -0.50 -16.08
CA THR A 347 -20.58 -1.86 -16.59
C THR A 347 -20.41 -2.85 -15.45
N SER A 348 -19.60 -2.46 -14.47
CA SER A 348 -19.43 -3.24 -13.27
C SER A 348 -20.75 -3.44 -12.52
N CYS A 349 -21.46 -2.33 -12.28
CA CYS A 349 -22.80 -2.37 -11.68
C CYS A 349 -23.68 -3.35 -12.41
N ASP A 350 -23.74 -3.24 -13.74
CA ASP A 350 -24.62 -4.08 -14.52
C ASP A 350 -24.24 -5.56 -14.45
N VAL A 351 -22.95 -5.84 -14.52
CA VAL A 351 -22.49 -7.21 -14.37
C VAL A 351 -22.91 -7.75 -13.00
N ILE A 352 -22.68 -7.01 -11.93
CA ILE A 352 -23.06 -7.45 -10.60
C ILE A 352 -24.58 -7.61 -10.43
N GLN A 353 -25.35 -6.67 -10.98
CA GLN A 353 -26.81 -6.75 -10.92
C GLN A 353 -27.33 -7.97 -11.67
N SER A 354 -26.63 -8.42 -12.70
CA SER A 354 -27.14 -9.54 -13.51
C SER A 354 -26.87 -10.92 -12.90
N ARG A 355 -26.26 -10.95 -11.72
CA ARG A 355 -25.90 -12.22 -11.08
C ARG A 355 -27.08 -13.14 -10.91
ZN ZN B . -2.99 -8.99 5.66
ZN ZN C . -0.83 -6.26 5.13
ZN ZN D . -3.30 -5.10 2.21
ZN ZN E . 16.74 -13.34 9.30
ZN ZN F . -4.37 14.20 -16.97
ZN ZN G . -7.44 -10.87 -15.35
ZN ZN H . 18.93 -1.30 -13.31
ZN ZN I . -10.25 4.29 19.77
ZN ZN J . -18.46 9.48 -12.40
C1 BME K . -25.68 0.80 -8.24
C2 BME K . -25.98 -0.69 -8.19
O1 BME K . -26.55 1.60 -8.60
S2 BME K . -25.24 -1.67 -9.51
#